data_2D9Q
#
_entry.id   2D9Q
#
_cell.length_a   134.777
_cell.length_b   134.777
_cell.length_c   105.468
_cell.angle_alpha   90.00
_cell.angle_beta   90.00
_cell.angle_gamma   120.00
#
_symmetry.space_group_name_H-M   'P 32 2 1'
#
loop_
_entity.id
_entity.type
_entity.pdbx_description
1 polymer CSF3
2 polymer 'Granulocyte colony-stimulating factor receptor'
3 branched 2-acetamido-2-deoxy-beta-D-glucopyranose-(1-4)-2-acetamido-2-deoxy-beta-D-glucopyranose
4 water water
#
loop_
_entity_poly.entity_id
_entity_poly.type
_entity_poly.pdbx_seq_one_letter_code
_entity_poly.pdbx_strand_id
1 'polypeptide(L)'
;TPLGPASSLPQSFLLKCLEQVRKIQGDGAALQEKLCATYKLCHPEELVLLGHSLGIPWAPLSSCPSQALQLAGCLSQLHS
GLFLYQGLLQALEGISPELGPTLDTLQLDVADFATTIWQQMEELGMAPALQPTQGAMPAFASAFQRRAGGVLVASHLQSF
LEVSYRVLRHLAQP
;
A
2 'polypeptide(L)'
;ECGHISVSAPIVHLGDPITASCIIKQNCSHLDPEPQILWRLGAELQPGGRQQRLSDGTQESIITLPHLNHTQAFLSCSLN
WGNSLQILDQVELRAGYPPAIPHNLSCLMNLTTSSLICQWEPGPETHLPTSFTLKSFKSRGNCQTQGDSILDCVPKDGQS
HCSIPRKHLLLYQNMGIWVQAENALGTSMSPQLCLDPMDVVKLEPPMLRTMDPSPEAAPPQAGCLQLSWEPWQPGLHINQ
KCELRHKPQRGEASWALVGPLPLEALQYELCGLLPATAYTLQIRCIRWPLPGHWSDWSPSLELRTTERAAAPR
;
B
#
loop_
_chem_comp.id
_chem_comp.type
_chem_comp.name
_chem_comp.formula
NAG D-saccharide, beta linking 2-acetamido-2-deoxy-beta-D-glucopyranose 'C8 H15 N O6'
#
# COMPACT_ATOMS: atom_id res chain seq x y z
N SER A 7 19.12 -17.74 -21.39
CA SER A 7 18.77 -16.64 -22.36
C SER A 7 19.09 -15.22 -21.84
N SER A 8 19.23 -14.29 -22.82
CA SER A 8 19.34 -12.79 -22.66
C SER A 8 18.10 -12.11 -21.89
N LEU A 9 17.01 -12.92 -21.72
CA LEU A 9 15.85 -12.58 -20.90
C LEU A 9 16.00 -13.27 -19.55
N PRO A 10 16.18 -12.44 -18.53
CA PRO A 10 16.35 -12.93 -17.15
C PRO A 10 15.27 -13.88 -16.74
N GLN A 11 15.60 -15.04 -16.27
CA GLN A 11 14.55 -15.83 -15.71
C GLN A 11 13.46 -14.92 -14.99
N SER A 12 13.84 -14.11 -14.00
CA SER A 12 12.83 -13.44 -13.15
C SER A 12 11.79 -12.72 -14.03
N PHE A 13 12.30 -11.85 -14.93
CA PHE A 13 11.48 -11.05 -15.85
C PHE A 13 10.44 -11.82 -16.58
N LEU A 14 10.79 -13.02 -16.90
CA LEU A 14 9.84 -13.81 -17.65
C LEU A 14 8.77 -14.31 -16.77
N LEU A 15 9.16 -14.75 -15.58
CA LEU A 15 8.18 -15.27 -14.67
C LEU A 15 7.31 -14.14 -14.17
N LYS A 16 7.88 -12.97 -14.00
CA LYS A 16 7.04 -11.86 -13.66
C LYS A 16 6.04 -11.66 -14.78
N CYS A 17 6.29 -12.11 -15.99
CA CYS A 17 5.44 -11.71 -17.10
C CYS A 17 4.30 -12.63 -17.14
N LEU A 18 4.55 -13.81 -16.62
CA LEU A 18 3.59 -14.89 -16.72
C LEU A 18 2.59 -14.69 -15.61
N GLU A 19 3.08 -14.26 -14.47
CA GLU A 19 2.19 -13.93 -13.39
C GLU A 19 1.20 -12.99 -13.90
N GLN A 20 1.67 -11.91 -14.48
CA GLN A 20 0.79 -10.86 -14.90
C GLN A 20 -0.18 -11.38 -15.89
N VAL A 21 0.30 -12.29 -16.70
CA VAL A 21 -0.70 -12.82 -17.64
C VAL A 21 -1.81 -13.48 -16.85
N ARG A 22 -1.48 -14.58 -16.12
CA ARG A 22 -2.50 -15.31 -15.37
C ARG A 22 -3.39 -14.27 -14.71
N LYS A 23 -2.80 -13.17 -14.25
CA LYS A 23 -3.61 -12.24 -13.50
C LYS A 23 -4.63 -11.51 -14.41
N ILE A 24 -4.14 -10.83 -15.43
CA ILE A 24 -5.00 -10.25 -16.37
C ILE A 24 -6.00 -11.24 -16.91
N GLN A 25 -5.66 -12.51 -17.03
CA GLN A 25 -6.66 -13.49 -17.61
C GLN A 25 -7.88 -13.50 -16.74
N GLY A 26 -7.63 -13.74 -15.48
CA GLY A 26 -8.64 -13.61 -14.47
C GLY A 26 -9.41 -12.35 -14.66
N ASP A 27 -8.71 -11.23 -14.57
CA ASP A 27 -9.37 -9.96 -14.80
C ASP A 27 -10.40 -10.02 -15.96
N GLY A 28 -9.92 -10.31 -17.16
CA GLY A 28 -10.80 -10.49 -18.31
C GLY A 28 -11.98 -11.33 -17.90
N ALA A 29 -11.74 -12.55 -17.52
CA ALA A 29 -12.78 -13.47 -17.13
C ALA A 29 -13.79 -12.89 -16.08
N ALA A 30 -13.34 -12.27 -15.03
CA ALA A 30 -14.33 -11.64 -14.20
C ALA A 30 -15.30 -10.74 -15.03
N LEU A 31 -14.77 -9.75 -15.77
CA LEU A 31 -15.51 -8.87 -16.65
C LEU A 31 -16.39 -9.61 -17.58
N GLN A 32 -15.86 -10.64 -18.17
CA GLN A 32 -16.66 -11.36 -19.15
C GLN A 32 -17.77 -11.93 -18.37
N GLU A 33 -17.56 -12.69 -17.31
CA GLU A 33 -18.66 -13.29 -16.58
C GLU A 33 -19.65 -12.23 -15.94
N LYS A 34 -19.19 -11.02 -15.73
CA LYS A 34 -20.04 -9.99 -15.12
C LYS A 34 -20.68 -9.12 -16.16
N LEU A 35 -20.86 -9.64 -17.37
CA LEU A 35 -21.44 -8.91 -18.49
C LEU A 35 -22.52 -9.80 -18.94
N CYS A 36 -22.10 -11.02 -19.08
CA CYS A 36 -22.95 -12.12 -19.05
C CYS A 36 -23.96 -12.16 -17.89
N ALA A 37 -23.67 -11.76 -16.70
CA ALA A 37 -24.85 -11.72 -15.86
C ALA A 37 -25.52 -10.38 -15.88
N THR A 38 -24.82 -9.32 -16.10
CA THR A 38 -25.53 -8.11 -16.09
C THR A 38 -26.15 -7.60 -17.36
N TYR A 39 -26.19 -8.36 -18.44
CA TYR A 39 -26.79 -7.87 -19.71
C TYR A 39 -27.15 -9.03 -20.60
N LYS A 40 -26.86 -10.22 -20.09
CA LYS A 40 -27.03 -11.49 -20.79
C LYS A 40 -26.35 -11.58 -22.19
N LEU A 41 -25.15 -10.96 -22.26
CA LEU A 41 -24.30 -10.96 -23.45
C LEU A 41 -23.17 -11.95 -23.38
N CYS A 42 -23.43 -13.22 -23.57
CA CYS A 42 -22.40 -14.20 -23.22
C CYS A 42 -21.58 -14.76 -24.32
N HIS A 43 -21.86 -14.36 -25.54
CA HIS A 43 -21.36 -15.07 -26.66
C HIS A 43 -21.01 -13.92 -27.57
N PRO A 44 -19.71 -13.77 -27.77
CA PRO A 44 -19.09 -12.76 -28.63
C PRO A 44 -19.10 -13.07 -30.10
N GLU A 45 -19.69 -14.21 -30.43
CA GLU A 45 -20.12 -14.49 -31.78
C GLU A 45 -21.14 -13.42 -32.18
N GLU A 46 -22.24 -13.33 -31.44
CA GLU A 46 -23.34 -12.45 -31.77
C GLU A 46 -22.91 -11.02 -32.03
N LEU A 47 -21.67 -10.73 -31.82
CA LEU A 47 -21.38 -9.35 -31.83
C LEU A 47 -20.44 -9.05 -32.90
N VAL A 48 -20.31 -9.99 -33.81
CA VAL A 48 -19.16 -9.95 -34.70
C VAL A 48 -19.32 -8.74 -35.57
N LEU A 49 -20.58 -8.63 -35.93
CA LEU A 49 -21.02 -7.67 -36.90
C LEU A 49 -20.78 -6.30 -36.31
N LEU A 50 -21.32 -6.20 -35.09
CA LEU A 50 -21.18 -5.01 -34.29
C LEU A 50 -19.67 -4.68 -34.31
N GLY A 51 -18.87 -5.71 -34.14
CA GLY A 51 -17.43 -5.54 -34.18
C GLY A 51 -16.94 -4.68 -35.30
N HIS A 52 -17.12 -5.17 -36.53
CA HIS A 52 -16.72 -4.45 -37.73
C HIS A 52 -17.49 -3.11 -37.76
N SER A 53 -18.76 -3.16 -37.44
CA SER A 53 -19.56 -1.95 -37.45
C SER A 53 -18.85 -0.79 -36.81
N LEU A 54 -17.84 -1.07 -36.01
CA LEU A 54 -17.16 -0.02 -35.30
C LEU A 54 -15.73 0.07 -35.73
N GLY A 55 -15.21 -1.06 -36.17
CA GLY A 55 -13.83 -1.14 -36.60
C GLY A 55 -12.88 -1.14 -35.43
N ILE A 56 -12.85 -2.28 -34.79
CA ILE A 56 -12.02 -2.42 -33.63
C ILE A 56 -10.71 -3.02 -34.04
N PRO A 57 -9.72 -2.18 -34.12
CA PRO A 57 -8.40 -2.66 -34.49
C PRO A 57 -7.93 -3.66 -33.42
N TRP A 58 -7.91 -4.90 -33.79
CA TRP A 58 -7.34 -5.91 -32.93
C TRP A 58 -5.85 -6.14 -33.02
N ALA A 59 -5.24 -6.51 -31.93
CA ALA A 59 -3.81 -6.67 -32.06
C ALA A 59 -3.45 -7.99 -32.58
N PRO A 60 -2.39 -7.93 -33.41
CA PRO A 60 -1.70 -9.08 -34.01
C PRO A 60 -0.55 -9.54 -33.14
N LEU A 61 -0.09 -10.75 -33.32
CA LEU A 61 1.06 -11.13 -32.53
C LEU A 61 1.82 -12.32 -33.06
N SER A 62 2.39 -12.14 -34.23
CA SER A 62 2.98 -13.27 -34.95
C SER A 62 4.46 -12.97 -35.30
N SER A 63 5.09 -12.01 -34.60
CA SER A 63 6.55 -11.76 -34.74
C SER A 63 7.33 -12.64 -33.75
N CYS A 64 6.59 -13.31 -32.86
CA CYS A 64 7.23 -14.18 -31.89
C CYS A 64 6.93 -15.64 -32.11
N PRO A 65 5.63 -16.05 -32.26
CA PRO A 65 5.25 -17.47 -32.05
C PRO A 65 6.45 -18.46 -32.27
N SER A 66 7.24 -18.35 -33.35
CA SER A 66 8.53 -19.09 -33.53
C SER A 66 9.35 -18.65 -34.82
N GLN A 67 9.12 -17.36 -35.23
CA GLN A 67 9.61 -16.66 -36.50
C GLN A 67 11.17 -16.78 -36.72
N ALA A 68 11.81 -17.23 -35.65
CA ALA A 68 13.20 -17.54 -35.60
C ALA A 68 13.50 -17.77 -34.11
N LEU A 69 14.70 -17.33 -33.80
CA LEU A 69 15.15 -17.10 -32.45
C LEU A 69 15.96 -15.64 -32.42
N GLN A 70 15.34 -14.57 -33.03
CA GLN A 70 15.56 -13.13 -32.61
C GLN A 70 14.29 -12.33 -32.04
N LEU A 71 14.42 -11.95 -30.72
CA LEU A 71 13.51 -11.24 -29.74
C LEU A 71 13.04 -9.83 -30.04
N ALA A 72 13.58 -8.85 -29.30
CA ALA A 72 13.30 -7.44 -29.50
C ALA A 72 12.74 -7.31 -30.84
N GLY A 73 12.02 -6.21 -31.13
CA GLY A 73 11.13 -6.16 -32.31
C GLY A 73 9.92 -7.12 -32.11
N CYS A 74 10.13 -8.21 -31.39
CA CYS A 74 9.06 -9.07 -30.90
C CYS A 74 8.36 -8.57 -29.59
N LEU A 75 9.13 -8.44 -28.51
CA LEU A 75 8.64 -7.79 -27.33
C LEU A 75 8.03 -6.62 -27.83
N SER A 76 8.63 -6.03 -28.83
CA SER A 76 8.09 -4.79 -29.36
C SER A 76 6.62 -4.92 -29.67
N GLN A 77 6.31 -5.87 -30.55
CA GLN A 77 4.93 -6.13 -31.01
C GLN A 77 3.98 -6.42 -29.84
N LEU A 78 4.31 -7.50 -29.11
CA LEU A 78 3.73 -7.73 -27.81
C LEU A 78 3.37 -6.41 -27.19
N HIS A 79 4.24 -5.93 -26.33
CA HIS A 79 4.09 -4.60 -25.88
C HIS A 79 3.04 -3.71 -26.67
N SER A 80 3.20 -3.48 -27.98
CA SER A 80 2.28 -2.58 -28.72
C SER A 80 0.81 -2.96 -28.67
N GLY A 81 0.55 -4.23 -28.92
CA GLY A 81 -0.70 -4.85 -28.52
C GLY A 81 -1.21 -4.50 -27.11
N LEU A 82 -0.48 -4.98 -26.10
CA LEU A 82 -0.86 -4.57 -24.76
C LEU A 82 -1.33 -3.10 -24.93
N PHE A 83 -0.43 -2.22 -25.34
CA PHE A 83 -0.71 -0.80 -25.38
C PHE A 83 -2.03 -0.45 -26.12
N LEU A 84 -2.24 -1.15 -27.20
CA LEU A 84 -3.47 -0.95 -27.94
C LEU A 84 -4.68 -1.29 -27.06
N TYR A 85 -4.77 -2.55 -26.58
CA TYR A 85 -5.91 -2.93 -25.78
C TYR A 85 -6.15 -1.89 -24.66
N GLN A 86 -5.04 -1.44 -24.08
CA GLN A 86 -5.08 -0.56 -22.92
C GLN A 86 -5.85 0.67 -23.33
N GLY A 87 -5.72 1.04 -24.60
CA GLY A 87 -6.39 2.20 -25.15
C GLY A 87 -7.80 1.90 -25.59
N LEU A 88 -8.08 0.64 -25.87
CA LEU A 88 -9.47 0.24 -26.11
C LEU A 88 -10.23 0.23 -24.80
N LEU A 89 -9.63 -0.37 -23.78
CA LEU A 89 -10.33 -0.47 -22.52
C LEU A 89 -10.63 0.91 -21.95
N GLN A 90 -9.70 1.84 -22.23
CA GLN A 90 -9.83 3.22 -21.85
C GLN A 90 -11.04 3.73 -22.56
N ALA A 91 -11.05 3.49 -23.86
CA ALA A 91 -12.10 4.07 -24.68
C ALA A 91 -13.41 3.36 -24.41
N LEU A 92 -13.40 2.37 -23.53
CA LEU A 92 -14.63 1.66 -23.18
C LEU A 92 -15.36 2.51 -22.19
N GLU A 93 -14.65 3.47 -21.58
CA GLU A 93 -15.26 4.39 -20.59
C GLU A 93 -16.01 3.64 -19.41
N GLY A 94 -15.34 2.67 -18.80
CA GLY A 94 -15.84 2.11 -17.60
C GLY A 94 -17.12 1.47 -17.91
N ILE A 95 -17.54 1.49 -19.16
CA ILE A 95 -18.79 0.80 -19.53
C ILE A 95 -20.09 1.38 -18.85
N SER A 96 -20.31 0.94 -17.61
CA SER A 96 -21.49 1.29 -16.78
C SER A 96 -20.98 1.21 -15.38
N PRO A 97 -21.49 2.05 -14.50
CA PRO A 97 -21.26 1.95 -13.07
C PRO A 97 -21.13 0.58 -12.40
N GLU A 98 -21.96 -0.38 -12.70
CA GLU A 98 -21.82 -1.64 -11.96
C GLU A 98 -20.61 -2.40 -12.34
N LEU A 99 -20.06 -2.05 -13.50
CA LEU A 99 -18.85 -2.71 -14.03
C LEU A 99 -17.59 -1.95 -13.75
N GLY A 100 -17.41 -0.79 -14.38
CA GLY A 100 -16.41 0.19 -13.94
C GLY A 100 -15.30 -0.27 -13.01
N PRO A 101 -15.57 -0.77 -11.80
CA PRO A 101 -14.48 -1.30 -10.97
C PRO A 101 -13.83 -2.56 -11.59
N THR A 102 -14.59 -3.61 -11.91
CA THR A 102 -14.07 -4.77 -12.63
C THR A 102 -13.30 -4.38 -13.84
N LEU A 103 -13.79 -3.41 -14.53
CA LEU A 103 -13.10 -3.04 -15.76
C LEU A 103 -11.85 -2.34 -15.39
N ASP A 104 -11.91 -1.63 -14.31
CA ASP A 104 -10.80 -0.77 -13.93
C ASP A 104 -9.65 -1.51 -13.37
N THR A 105 -9.86 -2.65 -12.74
CA THR A 105 -8.69 -3.42 -12.29
C THR A 105 -7.86 -3.94 -13.50
N LEU A 106 -8.54 -4.54 -14.50
CA LEU A 106 -7.98 -5.00 -15.77
C LEU A 106 -7.29 -3.85 -16.45
N GLN A 107 -7.93 -2.72 -16.55
CA GLN A 107 -7.26 -1.65 -17.16
C GLN A 107 -5.94 -1.42 -16.55
N LEU A 108 -5.97 -1.43 -15.24
CA LEU A 108 -4.71 -1.16 -14.52
C LEU A 108 -3.65 -2.23 -14.66
N ASP A 109 -4.06 -3.47 -14.59
CA ASP A 109 -3.15 -4.51 -14.61
C ASP A 109 -2.50 -4.65 -15.99
N VAL A 110 -3.36 -4.61 -16.99
CA VAL A 110 -2.87 -4.63 -18.32
C VAL A 110 -1.80 -3.52 -18.47
N ALA A 111 -2.11 -2.36 -17.95
CA ALA A 111 -1.16 -1.25 -17.98
C ALA A 111 0.21 -1.55 -17.49
N ASP A 112 0.22 -2.40 -16.50
CA ASP A 112 1.41 -2.64 -15.78
C ASP A 112 2.26 -3.72 -16.47
N PHE A 113 1.60 -4.60 -17.19
CA PHE A 113 2.25 -5.64 -17.99
C PHE A 113 2.82 -4.96 -19.13
N ALA A 114 2.08 -3.98 -19.57
CA ALA A 114 2.47 -3.13 -20.63
C ALA A 114 3.75 -2.43 -20.27
N THR A 115 3.86 -1.80 -19.10
CA THR A 115 5.19 -1.24 -18.90
C THR A 115 6.18 -2.26 -18.32
N THR A 116 5.76 -3.42 -17.90
CA THR A 116 6.79 -4.36 -17.45
C THR A 116 7.66 -4.84 -18.56
N ILE A 117 7.16 -4.61 -19.75
CA ILE A 117 7.79 -5.10 -20.94
C ILE A 117 8.63 -3.93 -21.31
N TRP A 118 8.00 -2.81 -21.54
CA TRP A 118 8.68 -1.63 -22.02
C TRP A 118 9.93 -1.40 -21.29
N GLN A 119 9.96 -1.57 -20.01
CA GLN A 119 11.21 -1.33 -19.32
C GLN A 119 12.19 -2.43 -19.73
N GLN A 120 11.94 -3.69 -19.41
CA GLN A 120 12.82 -4.73 -19.97
C GLN A 120 13.40 -4.38 -21.37
N MET A 121 12.58 -3.74 -22.22
CA MET A 121 13.01 -3.35 -23.56
C MET A 121 14.02 -2.20 -23.49
N GLU A 122 13.84 -1.22 -22.60
CA GLU A 122 14.88 -0.22 -22.43
C GLU A 122 16.13 -0.87 -21.82
N GLU A 123 15.98 -1.81 -20.87
CA GLU A 123 17.14 -2.49 -20.21
C GLU A 123 17.88 -3.45 -21.11
N LEU A 124 17.53 -3.38 -22.39
CA LEU A 124 18.21 -4.12 -23.43
C LEU A 124 18.42 -3.22 -24.67
N GLY A 125 18.10 -1.91 -24.56
CA GLY A 125 18.36 -0.94 -25.61
C GLY A 125 17.33 -0.85 -26.72
N MET A 126 16.57 -1.93 -26.97
CA MET A 126 15.62 -2.08 -28.12
C MET A 126 14.37 -1.21 -28.03
N ALA A 127 14.25 -0.53 -26.93
CA ALA A 127 13.15 0.36 -26.73
C ALA A 127 13.49 1.58 -27.52
N PRO A 128 12.71 1.93 -28.55
CA PRO A 128 12.69 3.37 -28.97
C PRO A 128 12.99 4.30 -27.74
N ALA A 129 13.66 5.45 -27.94
CA ALA A 129 13.87 6.37 -26.79
C ALA A 129 12.50 6.96 -26.48
N LEU A 130 11.69 7.09 -27.55
CA LEU A 130 10.45 7.86 -27.60
C LEU A 130 9.18 6.97 -27.36
N GLN A 131 8.50 7.21 -26.21
CA GLN A 131 7.38 6.37 -25.73
C GLN A 131 6.00 6.69 -26.40
N PRO A 132 5.48 5.85 -27.31
CA PRO A 132 4.23 6.19 -28.05
C PRO A 132 3.13 6.78 -27.17
N THR A 133 2.25 7.61 -27.74
CA THR A 133 0.92 7.94 -27.10
C THR A 133 -0.24 7.86 -28.13
N GLN A 134 -0.04 7.10 -29.23
CA GLN A 134 -0.97 7.09 -30.38
C GLN A 134 -2.26 6.26 -30.14
N GLY A 135 -3.12 6.27 -31.14
CA GLY A 135 -4.32 5.46 -31.15
C GLY A 135 -5.35 6.22 -31.93
N ALA A 136 -6.04 5.58 -32.86
CA ALA A 136 -7.34 6.05 -33.44
C ALA A 136 -8.48 5.16 -32.85
N MET A 137 -8.96 5.56 -31.66
CA MET A 137 -9.84 4.73 -30.84
C MET A 137 -11.26 4.76 -31.33
N PRO A 138 -11.88 3.61 -31.43
CA PRO A 138 -13.26 3.58 -31.87
C PRO A 138 -14.19 4.37 -30.98
N ALA A 139 -15.42 4.49 -31.48
CA ALA A 139 -16.54 5.20 -30.85
C ALA A 139 -16.95 4.68 -29.47
N PHE A 140 -17.80 3.62 -29.45
CA PHE A 140 -18.53 3.13 -28.25
C PHE A 140 -19.36 4.29 -27.60
N ALA A 141 -20.20 4.98 -28.39
CA ALA A 141 -21.05 6.06 -27.84
C ALA A 141 -22.10 5.46 -26.93
N SER A 142 -22.93 4.59 -27.47
CA SER A 142 -24.03 4.02 -26.71
C SER A 142 -23.71 3.08 -25.57
N ALA A 143 -24.71 2.86 -24.73
CA ALA A 143 -24.62 1.91 -23.62
C ALA A 143 -24.27 0.52 -24.14
N PHE A 144 -25.06 0.10 -25.10
CA PHE A 144 -24.85 -1.18 -25.73
C PHE A 144 -23.48 -1.29 -26.43
N GLN A 145 -23.01 -0.22 -27.02
CA GLN A 145 -21.78 -0.34 -27.71
C GLN A 145 -20.73 -0.72 -26.72
N ARG A 146 -20.67 0.04 -25.65
CA ARG A 146 -19.80 -0.32 -24.59
C ARG A 146 -20.13 -1.63 -23.91
N ARG A 147 -21.39 -1.91 -23.64
CA ARG A 147 -21.72 -3.22 -23.05
C ARG A 147 -21.03 -4.30 -23.90
N ALA A 148 -21.17 -4.20 -25.21
CA ALA A 148 -20.68 -5.21 -26.17
C ALA A 148 -19.23 -5.07 -26.45
N GLY A 149 -18.89 -3.88 -26.91
CA GLY A 149 -17.51 -3.44 -26.94
C GLY A 149 -16.69 -4.21 -25.92
N GLY A 150 -17.29 -4.37 -24.75
CA GLY A 150 -16.60 -4.98 -23.67
C GLY A 150 -16.45 -6.42 -23.93
N VAL A 151 -17.53 -7.12 -24.20
CA VAL A 151 -17.41 -8.56 -24.38
C VAL A 151 -16.55 -8.96 -25.53
N LEU A 152 -16.47 -8.04 -26.48
CA LEU A 152 -15.68 -8.19 -27.66
C LEU A 152 -14.20 -8.10 -27.35
N VAL A 153 -13.85 -6.92 -26.82
CA VAL A 153 -12.47 -6.65 -26.49
C VAL A 153 -11.92 -7.66 -25.51
N ALA A 154 -12.67 -7.89 -24.48
CA ALA A 154 -12.32 -8.94 -23.55
C ALA A 154 -11.98 -10.20 -24.23
N SER A 155 -12.88 -10.58 -25.10
CA SER A 155 -12.75 -11.84 -25.71
C SER A 155 -11.50 -11.84 -26.68
N HIS A 156 -11.22 -10.75 -27.38
CA HIS A 156 -9.94 -10.74 -28.12
C HIS A 156 -8.75 -10.73 -27.25
N LEU A 157 -8.63 -9.71 -26.40
CA LEU A 157 -7.56 -9.71 -25.43
C LEU A 157 -7.30 -11.14 -24.87
N GLN A 158 -8.34 -11.85 -24.68
CA GLN A 158 -8.26 -13.01 -23.86
C GLN A 158 -7.43 -14.04 -24.53
N SER A 159 -7.48 -14.00 -25.85
CA SER A 159 -6.67 -14.87 -26.68
C SER A 159 -5.31 -14.21 -26.94
N PHE A 160 -5.27 -12.97 -27.36
CA PHE A 160 -3.96 -12.34 -27.40
C PHE A 160 -3.10 -12.82 -26.23
N LEU A 161 -3.72 -13.29 -25.17
CA LEU A 161 -2.96 -13.65 -24.02
C LEU A 161 -2.56 -15.03 -24.04
N GLU A 162 -3.46 -15.89 -24.47
CA GLU A 162 -3.16 -17.30 -24.49
C GLU A 162 -1.94 -17.44 -25.45
N VAL A 163 -1.79 -16.52 -26.39
CA VAL A 163 -0.68 -16.65 -27.32
C VAL A 163 0.55 -16.17 -26.66
N SER A 164 0.51 -14.96 -26.05
CA SER A 164 1.62 -14.46 -25.24
C SER A 164 1.94 -15.51 -24.23
N TYR A 165 0.98 -16.19 -23.65
CA TYR A 165 1.42 -17.20 -22.73
C TYR A 165 2.39 -18.08 -23.32
N ARG A 166 1.98 -18.78 -24.39
CA ARG A 166 2.78 -19.76 -25.19
C ARG A 166 4.16 -19.18 -25.44
N VAL A 167 4.19 -18.03 -26.10
CA VAL A 167 5.41 -17.29 -26.37
C VAL A 167 6.28 -17.04 -25.19
N LEU A 168 5.88 -17.39 -24.00
CA LEU A 168 6.70 -17.00 -22.88
C LEU A 168 7.01 -18.26 -22.23
N ARG A 169 6.10 -19.21 -22.13
CA ARG A 169 6.34 -20.42 -21.35
C ARG A 169 7.40 -21.14 -22.09
N HIS A 170 7.34 -20.91 -23.41
CA HIS A 170 8.36 -21.42 -24.35
C HIS A 170 9.59 -20.51 -24.45
N LEU A 171 9.46 -19.20 -24.61
CA LEU A 171 10.61 -18.33 -24.31
C LEU A 171 11.38 -18.56 -22.98
N ALA A 172 10.83 -19.30 -22.01
CA ALA A 172 11.49 -19.57 -20.71
C ALA A 172 12.23 -20.84 -20.69
N GLN A 173 12.45 -21.41 -21.89
CA GLN A 173 13.37 -22.56 -22.18
C GLN A 173 14.27 -22.35 -23.49
N PRO A 174 15.14 -21.27 -23.55
CA PRO A 174 16.19 -21.12 -24.63
C PRO A 174 17.55 -21.87 -24.42
N CYS B 2 -7.58 42.82 30.45
CA CYS B 2 -7.53 44.22 29.87
C CYS B 2 -6.25 44.65 29.16
N GLY B 3 -5.18 44.38 29.92
CA GLY B 3 -3.85 44.13 29.40
C GLY B 3 -3.77 42.87 28.52
N HIS B 4 -2.58 42.60 27.98
CA HIS B 4 -2.44 41.67 26.88
C HIS B 4 -1.04 41.01 26.99
N ILE B 5 -1.02 39.67 27.20
CA ILE B 5 0.24 38.90 27.17
C ILE B 5 0.70 38.61 25.74
N SER B 6 2.02 38.54 25.63
CA SER B 6 2.76 38.15 24.44
C SER B 6 4.06 37.47 24.83
N VAL B 7 4.42 36.44 24.08
CA VAL B 7 5.58 35.61 24.40
C VAL B 7 6.59 35.55 23.20
N SER B 8 7.79 35.05 23.49
CA SER B 8 8.74 34.61 22.45
C SER B 8 8.17 33.40 21.71
N ALA B 9 8.18 32.31 22.46
CA ALA B 9 7.72 31.05 21.94
C ALA B 9 6.64 30.49 22.87
N PRO B 10 5.48 30.19 22.30
CA PRO B 10 4.42 29.39 22.93
C PRO B 10 4.75 27.89 23.06
N ILE B 11 5.59 27.38 22.20
CA ILE B 11 5.89 25.98 22.34
C ILE B 11 7.36 25.86 22.31
N VAL B 12 7.88 25.00 23.15
CA VAL B 12 9.27 24.94 23.26
C VAL B 12 9.86 23.70 23.84
N HIS B 13 11.17 23.72 23.78
CA HIS B 13 11.82 22.47 23.88
C HIS B 13 11.55 22.07 25.34
N LEU B 14 11.79 20.79 25.42
CA LEU B 14 12.11 19.98 26.58
C LEU B 14 11.76 20.63 27.90
N GLY B 15 12.70 21.49 28.32
CA GLY B 15 12.76 22.26 29.55
C GLY B 15 13.50 23.60 29.43
N ASP B 16 13.20 24.40 28.42
CA ASP B 16 13.90 25.70 28.18
C ASP B 16 13.13 26.81 28.70
N PRO B 17 13.69 27.99 28.65
CA PRO B 17 12.98 29.22 28.93
C PRO B 17 12.20 29.84 27.87
N ILE B 18 11.32 30.70 28.41
CA ILE B 18 10.34 31.49 27.73
C ILE B 18 10.32 32.80 28.40
N THR B 19 9.87 33.77 27.67
CA THR B 19 9.99 35.10 28.14
C THR B 19 8.77 35.86 27.70
N ALA B 20 8.08 36.51 28.64
CA ALA B 20 6.88 37.27 28.25
C ALA B 20 6.69 38.62 28.82
N SER B 21 5.84 39.34 28.11
CA SER B 21 5.47 40.71 28.38
C SER B 21 4.01 40.86 28.86
N CYS B 22 3.72 41.53 29.96
CA CYS B 22 2.34 41.98 30.16
C CYS B 22 2.04 43.51 30.02
N ILE B 23 1.40 43.92 28.93
CA ILE B 23 1.17 45.35 28.64
C ILE B 23 -0.19 45.81 29.18
N ILE B 24 -0.21 45.93 30.50
CA ILE B 24 -1.44 46.24 31.21
C ILE B 24 -1.84 47.72 30.98
N LYS B 25 -2.88 47.95 30.18
CA LYS B 25 -3.36 49.31 29.88
C LYS B 25 -4.20 50.00 31.07
N GLN B 26 -3.84 51.28 31.47
CA GLN B 26 -4.42 52.10 32.64
C GLN B 26 -5.83 52.72 32.40
N ASN B 27 -6.25 52.58 31.15
CA ASN B 27 -7.58 52.86 30.57
C ASN B 27 -8.81 52.16 31.20
N CYS B 28 -8.57 51.17 32.05
CA CYS B 28 -9.60 50.38 32.72
C CYS B 28 -8.84 49.80 33.91
N SER B 29 -9.17 50.32 35.07
CA SER B 29 -8.47 49.90 36.25
C SER B 29 -8.82 50.94 37.26
N HIS B 30 -9.48 50.45 38.32
CA HIS B 30 -9.86 51.22 39.52
C HIS B 30 -8.54 51.80 40.18
N LEU B 31 -7.81 50.97 40.97
CA LEU B 31 -6.37 51.21 41.32
C LEU B 31 -5.52 50.97 40.05
N ASP B 32 -5.00 52.09 39.49
CA ASP B 32 -4.33 52.09 38.18
C ASP B 32 -2.98 51.24 38.16
N PRO B 33 -2.86 50.27 37.21
CA PRO B 33 -1.81 49.20 37.14
C PRO B 33 -0.68 49.12 38.17
N GLU B 34 -0.37 50.30 38.72
CA GLU B 34 0.39 50.49 39.97
C GLU B 34 0.37 49.19 40.87
N PRO B 35 -0.79 48.70 41.43
CA PRO B 35 -0.76 47.36 42.08
C PRO B 35 -0.06 46.39 41.07
N GLN B 36 1.08 45.88 41.58
CA GLN B 36 2.11 45.21 40.78
C GLN B 36 1.34 44.09 40.03
N ILE B 37 1.64 43.83 38.74
CA ILE B 37 0.97 42.73 38.04
C ILE B 37 1.70 41.45 38.33
N LEU B 38 0.99 40.40 38.76
CA LEU B 38 1.65 39.14 39.15
C LEU B 38 1.50 37.89 38.21
N TRP B 39 2.65 37.28 37.98
CA TRP B 39 2.76 36.30 36.97
C TRP B 39 2.48 35.07 37.71
N ARG B 40 1.65 34.27 37.06
CA ARG B 40 1.43 32.94 37.51
C ARG B 40 1.52 31.84 36.41
N LEU B 41 1.79 30.63 36.89
CA LEU B 41 1.77 29.38 36.15
C LEU B 41 0.58 28.59 36.64
N GLY B 42 -0.54 29.34 36.72
CA GLY B 42 -1.81 28.85 37.21
C GLY B 42 -1.72 28.64 38.70
N ALA B 43 -2.30 29.57 39.41
CA ALA B 43 -2.35 29.50 40.88
C ALA B 43 -0.96 29.45 41.56
N GLU B 44 0.09 29.90 40.87
CA GLU B 44 1.47 29.87 41.38
C GLU B 44 2.15 31.14 41.08
N LEU B 45 2.49 31.83 42.12
CA LEU B 45 3.20 33.03 41.85
C LEU B 45 4.56 32.62 41.21
N GLN B 46 5.02 33.40 40.22
CA GLN B 46 6.31 33.13 39.57
C GLN B 46 7.35 34.28 39.97
N PRO B 47 8.50 33.89 40.59
CA PRO B 47 9.55 34.87 40.82
C PRO B 47 9.87 35.68 39.54
N GLY B 48 10.96 36.41 39.54
CA GLY B 48 11.45 37.09 38.35
C GLY B 48 10.73 38.35 37.92
N GLY B 49 9.52 38.59 38.39
CA GLY B 49 8.68 39.55 37.71
C GLY B 49 9.46 40.82 37.69
N ARG B 50 9.57 41.58 36.61
CA ARG B 50 10.25 42.88 36.77
C ARG B 50 9.60 44.07 36.03
N GLN B 51 8.95 44.87 36.84
CA GLN B 51 7.97 45.89 36.42
C GLN B 51 8.53 47.13 35.69
N GLN B 52 8.41 47.22 34.37
CA GLN B 52 8.94 48.37 33.64
C GLN B 52 7.92 49.56 33.69
N ARG B 53 7.75 50.32 32.58
CA ARG B 53 6.81 51.49 32.44
C ARG B 53 6.79 51.97 30.96
N LEU B 54 5.90 52.92 30.57
CA LEU B 54 6.16 53.90 29.44
C LEU B 54 6.55 55.20 30.15
N SER B 55 6.18 55.22 31.46
CA SER B 55 6.17 56.40 32.40
C SER B 55 4.72 56.98 32.66
N ASP B 56 4.28 57.84 31.71
CA ASP B 56 2.89 58.34 31.54
C ASP B 56 2.07 57.41 30.55
N GLY B 57 2.56 56.20 30.25
CA GLY B 57 1.75 55.22 29.55
C GLY B 57 1.30 54.04 30.40
N THR B 58 0.79 53.04 29.68
CA THR B 58 0.70 51.63 30.09
C THR B 58 1.85 51.21 31.05
N GLN B 59 1.53 50.43 32.08
CA GLN B 59 2.55 50.01 33.04
C GLN B 59 3.05 48.54 32.95
N GLU B 60 3.66 48.15 31.78
CA GLU B 60 4.12 46.73 31.49
C GLU B 60 5.12 46.02 32.49
N SER B 61 5.33 44.72 32.31
CA SER B 61 6.31 43.96 33.10
C SER B 61 6.77 42.90 32.19
N ILE B 62 8.03 42.47 32.29
CA ILE B 62 8.46 41.27 31.58
C ILE B 62 9.01 40.23 32.59
N ILE B 63 9.09 38.96 32.18
CA ILE B 63 9.52 37.89 33.12
C ILE B 63 10.14 36.78 32.32
N THR B 64 10.93 35.94 32.99
CA THR B 64 11.57 34.83 32.34
C THR B 64 11.45 33.54 33.10
N LEU B 65 10.73 32.68 32.46
CA LEU B 65 10.56 31.40 33.02
C LEU B 65 11.81 30.65 32.87
N PRO B 66 12.25 30.11 33.95
CA PRO B 66 13.60 29.58 33.97
C PRO B 66 13.76 28.38 32.96
N HIS B 67 13.19 27.26 33.39
CA HIS B 67 13.06 26.02 32.67
C HIS B 67 11.57 25.64 32.82
N LEU B 68 10.74 25.84 31.77
CA LEU B 68 9.39 25.28 31.67
C LEU B 68 9.42 23.79 31.76
N ASN B 69 9.20 23.20 32.93
CA ASN B 69 9.32 21.77 33.02
C ASN B 69 8.01 21.06 32.99
N HIS B 70 7.01 21.60 32.29
CA HIS B 70 5.62 21.09 32.29
C HIS B 70 4.98 21.05 30.86
N THR B 71 4.52 19.85 30.44
CA THR B 71 4.09 19.61 29.07
C THR B 71 3.15 20.68 28.63
N GLN B 72 2.20 21.03 29.50
CA GLN B 72 1.25 22.13 29.27
C GLN B 72 1.21 23.00 30.44
N ALA B 73 0.93 24.29 30.26
CA ALA B 73 0.83 25.17 31.39
C ALA B 73 0.33 26.49 31.05
N PHE B 74 -0.33 27.08 32.03
CA PHE B 74 -1.08 28.26 31.77
C PHE B 74 -0.43 29.45 32.42
N LEU B 75 -0.42 30.59 31.70
CA LEU B 75 0.39 31.70 32.10
C LEU B 75 -0.52 32.81 32.31
N SER B 76 -0.61 33.16 33.57
CA SER B 76 -1.65 34.02 34.06
C SER B 76 -0.96 35.31 34.39
N CYS B 77 -1.36 36.28 33.62
CA CYS B 77 -1.01 37.61 33.94
C CYS B 77 -2.14 38.39 34.65
N SER B 78 -2.05 38.43 35.96
CA SER B 78 -3.15 38.95 36.78
C SER B 78 -2.66 40.18 37.58
N LEU B 79 -3.46 41.25 37.69
CA LEU B 79 -3.13 42.35 38.65
C LEU B 79 -3.82 42.29 40.07
N ASN B 80 -3.99 43.43 40.75
CA ASN B 80 -4.66 43.47 42.08
C ASN B 80 -5.70 44.63 42.18
N TRP B 81 -6.95 44.20 42.31
CA TRP B 81 -8.11 45.05 42.55
C TRP B 81 -8.86 44.41 43.72
N GLY B 82 -8.58 44.95 44.90
CA GLY B 82 -9.16 44.48 46.12
C GLY B 82 -8.25 43.45 46.70
N ASN B 83 -8.87 42.59 47.49
CA ASN B 83 -8.19 41.42 48.02
C ASN B 83 -8.72 40.19 47.23
N SER B 84 -8.16 40.11 46.02
CA SER B 84 -8.68 39.32 44.91
C SER B 84 -7.75 39.64 43.79
N LEU B 85 -7.36 38.63 43.02
CA LEU B 85 -6.40 38.86 41.92
C LEU B 85 -7.23 38.86 40.70
N GLN B 86 -6.96 39.70 39.74
CA GLN B 86 -7.78 39.75 38.59
C GLN B 86 -7.05 39.34 37.31
N ILE B 87 -7.48 38.23 36.75
CA ILE B 87 -6.89 37.81 35.56
C ILE B 87 -7.30 38.80 34.49
N LEU B 88 -6.32 39.23 33.76
CA LEU B 88 -6.53 40.19 32.72
C LEU B 88 -6.17 39.69 31.32
N ASP B 89 -5.14 38.81 31.27
CA ASP B 89 -4.91 37.86 30.15
C ASP B 89 -4.24 36.54 30.63
N GLN B 90 -4.41 35.55 29.76
CA GLN B 90 -3.98 34.19 30.02
C GLN B 90 -3.53 33.65 28.74
N VAL B 91 -2.54 32.81 28.83
CA VAL B 91 -1.99 32.27 27.67
C VAL B 91 -1.47 30.85 27.88
N GLU B 92 -1.61 30.06 26.83
CA GLU B 92 -1.19 28.68 27.02
C GLU B 92 0.20 28.32 26.50
N LEU B 93 0.95 27.61 27.32
CA LEU B 93 2.29 27.32 26.98
C LEU B 93 2.51 25.84 26.98
N ARG B 94 3.02 25.30 25.87
CA ARG B 94 3.44 23.88 25.92
C ARG B 94 4.89 23.69 25.73
N ALA B 95 5.31 22.55 26.17
CA ALA B 95 6.63 22.14 25.99
C ALA B 95 6.70 20.65 26.01
N GLY B 96 7.57 20.14 25.14
CA GLY B 96 7.80 18.70 25.00
C GLY B 96 9.07 18.48 24.24
N TYR B 97 9.07 17.51 23.32
CA TYR B 97 10.21 17.07 22.53
C TYR B 97 9.94 17.16 21.04
N PRO B 98 10.99 17.19 20.22
CA PRO B 98 10.77 17.02 18.80
C PRO B 98 10.83 15.49 18.62
N PRO B 99 10.25 15.06 17.53
CA PRO B 99 9.99 13.64 17.29
C PRO B 99 11.24 12.89 16.91
N ALA B 100 11.18 11.61 17.08
CA ALA B 100 12.25 10.70 16.89
C ALA B 100 12.03 10.02 15.54
N ILE B 101 13.03 9.27 15.11
CA ILE B 101 13.02 8.63 13.85
C ILE B 101 12.07 7.51 14.07
N PRO B 102 11.08 7.30 13.22
CA PRO B 102 10.20 6.14 13.30
C PRO B 102 10.87 4.81 12.94
N HIS B 103 10.80 3.89 13.87
CA HIS B 103 11.52 2.65 13.87
C HIS B 103 10.56 1.69 13.15
N ASN B 104 11.03 0.80 12.28
CA ASN B 104 10.37 -0.51 11.94
C ASN B 104 9.24 -0.42 11.00
N LEU B 105 9.44 0.39 9.98
CA LEU B 105 8.45 0.64 8.91
C LEU B 105 8.43 -0.59 8.12
N SER B 106 7.29 -1.03 7.62
CA SER B 106 7.17 -2.24 6.83
C SER B 106 5.90 -2.22 5.98
N CYS B 107 5.84 -3.01 4.93
CA CYS B 107 4.67 -3.05 4.12
C CYS B 107 4.24 -4.46 3.77
N LEU B 108 2.95 -4.63 3.46
CA LEU B 108 2.27 -5.77 2.86
C LEU B 108 1.49 -5.33 1.63
N MET B 109 1.25 -6.25 0.70
CA MET B 109 0.23 -6.08 -0.27
C MET B 109 -0.86 -7.05 0.02
N ASN B 110 -2.08 -6.57 0.09
CA ASN B 110 -3.19 -7.38 0.55
C ASN B 110 -3.95 -7.64 -0.66
N LEU B 111 -4.13 -8.89 -0.97
CA LEU B 111 -4.63 -9.16 -2.31
C LEU B 111 -6.07 -8.95 -2.41
N THR B 112 -6.73 -8.99 -1.24
CA THR B 112 -8.15 -8.68 -1.07
C THR B 112 -8.51 -7.18 -1.15
N THR B 113 -7.98 -6.34 -0.26
CA THR B 113 -8.21 -4.91 -0.36
C THR B 113 -7.58 -4.42 -1.64
N SER B 114 -6.64 -5.21 -2.12
CA SER B 114 -5.94 -4.92 -3.35
C SER B 114 -5.06 -3.71 -3.16
N SER B 115 -4.50 -3.57 -1.97
CA SER B 115 -3.74 -2.37 -1.70
C SER B 115 -2.50 -2.65 -0.79
N LEU B 116 -1.71 -1.62 -0.53
CA LEU B 116 -0.41 -1.79 0.11
C LEU B 116 -0.45 -1.22 1.47
N ILE B 117 -0.13 -2.02 2.47
CA ILE B 117 -0.28 -1.53 3.80
C ILE B 117 1.00 -1.39 4.55
N CYS B 118 1.43 -0.18 4.75
CA CYS B 118 2.61 0.04 5.49
C CYS B 118 2.26 0.38 6.90
N GLN B 119 3.20 0.15 7.83
CA GLN B 119 3.00 0.52 9.20
C GLN B 119 4.29 0.72 9.88
N TRP B 120 4.33 1.40 11.01
CA TRP B 120 5.58 1.62 11.72
C TRP B 120 5.27 1.73 13.23
N GLU B 121 6.27 2.13 14.05
CA GLU B 121 6.22 2.31 15.50
C GLU B 121 6.71 3.67 15.67
N PRO B 122 6.11 4.57 16.43
CA PRO B 122 6.67 5.90 16.46
C PRO B 122 7.56 6.17 17.66
N GLY B 123 7.72 5.15 18.53
CA GLY B 123 8.41 5.32 19.81
C GLY B 123 8.18 6.70 20.50
N PRO B 124 9.10 7.06 21.34
CA PRO B 124 8.87 7.98 22.44
C PRO B 124 7.88 9.11 22.18
N GLU B 125 6.94 9.22 23.12
CA GLU B 125 5.87 10.18 23.05
C GLU B 125 6.45 11.59 23.00
N THR B 126 6.05 12.44 22.09
CA THR B 126 6.65 13.76 22.17
C THR B 126 6.02 14.75 23.14
N HIS B 127 4.85 14.45 23.67
CA HIS B 127 3.98 15.47 24.29
C HIS B 127 3.62 16.62 23.37
N LEU B 128 3.37 16.38 22.09
CA LEU B 128 2.93 17.46 21.28
C LEU B 128 2.14 16.96 20.07
N PRO B 129 1.19 17.75 19.62
CA PRO B 129 0.40 17.39 18.46
C PRO B 129 1.38 17.18 17.27
N THR B 130 1.52 15.89 17.02
CA THR B 130 2.40 15.42 15.98
C THR B 130 1.83 14.44 14.88
N SER B 131 1.80 14.93 13.66
CA SER B 131 1.26 14.26 12.54
C SER B 131 2.29 13.44 11.88
N PHE B 132 1.90 12.25 11.46
CA PHE B 132 2.72 11.36 10.69
C PHE B 132 2.19 11.36 9.31
N THR B 133 2.99 10.82 8.39
CA THR B 133 2.67 10.80 6.99
C THR B 133 3.51 9.78 6.21
N LEU B 134 2.89 9.12 5.24
CA LEU B 134 3.62 8.10 4.52
C LEU B 134 3.91 8.61 3.19
N LYS B 135 5.13 9.02 2.95
CA LYS B 135 5.42 9.45 1.62
C LYS B 135 5.89 8.24 0.82
N SER B 136 5.61 8.33 -0.49
CA SER B 136 5.97 7.30 -1.42
C SER B 136 6.16 7.82 -2.83
N PHE B 137 6.97 7.13 -3.62
CA PHE B 137 7.15 7.51 -5.01
C PHE B 137 7.49 6.38 -5.96
N LYS B 138 7.00 6.41 -7.19
CA LYS B 138 7.34 5.37 -8.19
C LYS B 138 8.78 5.62 -8.55
N SER B 139 9.59 4.58 -8.49
CA SER B 139 10.91 4.70 -9.06
C SER B 139 11.16 3.58 -9.99
N ARG B 140 12.44 3.42 -10.23
CA ARG B 140 13.00 2.17 -10.68
C ARG B 140 14.36 2.00 -10.03
N GLY B 141 14.82 0.78 -10.03
CA GLY B 141 16.14 0.55 -9.54
C GLY B 141 16.28 0.47 -8.04
N ASN B 142 17.23 1.23 -7.54
CA ASN B 142 17.56 1.30 -6.14
C ASN B 142 16.76 2.43 -5.53
N CYS B 143 15.74 2.91 -6.23
CA CYS B 143 15.06 4.14 -5.82
C CYS B 143 15.90 5.36 -5.68
N GLN B 144 17.22 5.23 -5.77
CA GLN B 144 18.09 6.36 -5.51
C GLN B 144 17.65 7.32 -6.56
N THR B 145 17.79 6.85 -7.80
CA THR B 145 17.55 7.69 -8.95
C THR B 145 16.10 8.16 -8.68
N GLN B 146 16.14 9.37 -8.16
CA GLN B 146 14.99 10.05 -7.69
C GLN B 146 13.87 9.73 -8.70
N GLY B 147 12.74 9.19 -8.23
CA GLY B 147 11.49 9.26 -8.99
C GLY B 147 10.99 10.65 -8.62
N ASP B 148 10.14 11.22 -9.42
CA ASP B 148 9.80 12.55 -9.03
C ASP B 148 8.51 12.75 -8.16
N SER B 149 7.35 12.21 -8.55
CA SER B 149 6.08 12.63 -7.90
C SER B 149 5.94 11.99 -6.58
N ILE B 150 5.87 12.76 -5.52
CA ILE B 150 5.81 12.15 -4.24
C ILE B 150 4.39 12.07 -3.73
N LEU B 151 3.98 10.93 -3.22
CA LEU B 151 2.60 10.76 -2.83
C LEU B 151 2.36 10.65 -1.31
N ASP B 152 1.66 11.64 -0.74
CA ASP B 152 1.42 11.66 0.73
C ASP B 152 0.27 10.74 1.05
N CYS B 153 0.42 9.77 1.88
CA CYS B 153 -0.75 9.02 2.20
C CYS B 153 -0.85 9.24 3.66
N VAL B 154 -2.01 9.69 4.12
CA VAL B 154 -2.13 10.15 5.54
C VAL B 154 -2.81 9.22 6.52
N PRO B 155 -2.27 8.85 7.66
CA PRO B 155 -2.99 7.86 8.48
C PRO B 155 -4.18 8.46 9.19
N LYS B 156 -5.12 7.64 9.70
CA LYS B 156 -6.28 8.11 10.45
C LYS B 156 -5.86 8.42 11.83
N ASP B 157 -6.07 9.67 12.25
CA ASP B 157 -5.75 10.11 13.63
C ASP B 157 -5.58 8.97 14.63
N GLY B 158 -4.36 8.77 15.01
CA GLY B 158 -4.18 7.91 16.10
C GLY B 158 -3.43 6.79 15.54
N GLN B 159 -3.96 6.18 14.48
CA GLN B 159 -3.44 4.90 13.98
C GLN B 159 -2.04 4.95 13.38
N SER B 160 -1.30 3.85 13.50
CA SER B 160 0.10 3.93 13.12
C SER B 160 0.49 3.10 11.88
N HIS B 161 -0.38 3.17 10.88
CA HIS B 161 -0.24 2.49 9.60
C HIS B 161 -1.10 3.19 8.56
N CYS B 162 -0.70 3.09 7.31
CA CYS B 162 -1.31 3.85 6.28
C CYS B 162 -1.53 2.87 5.23
N SER B 163 -2.33 3.17 4.22
CA SER B 163 -2.63 2.18 3.23
C SER B 163 -2.86 2.76 1.78
N ILE B 164 -2.10 2.25 0.81
CA ILE B 164 -2.14 2.77 -0.52
C ILE B 164 -2.92 1.86 -1.45
N PRO B 165 -3.92 2.39 -2.08
CA PRO B 165 -4.83 1.56 -2.81
C PRO B 165 -4.17 1.27 -4.15
N ARG B 166 -4.71 0.26 -4.84
CA ARG B 166 -4.15 -0.18 -6.11
C ARG B 166 -3.96 0.91 -7.10
N LYS B 167 -4.98 1.76 -7.25
CA LYS B 167 -4.94 2.71 -8.35
C LYS B 167 -3.70 3.57 -8.32
N HIS B 168 -3.00 3.59 -7.16
CA HIS B 168 -1.78 4.41 -6.96
C HIS B 168 -0.54 3.59 -6.83
N LEU B 169 -0.63 2.29 -7.13
CA LEU B 169 0.57 1.49 -7.10
C LEU B 169 0.99 1.24 -8.52
N LEU B 170 2.21 0.83 -8.66
CA LEU B 170 2.64 0.40 -9.97
C LEU B 170 3.21 -1.01 -9.79
N LEU B 171 2.35 -1.99 -9.69
CA LEU B 171 2.89 -3.30 -9.48
C LEU B 171 4.11 -3.64 -10.37
N TYR B 172 4.90 -4.59 -9.86
CA TYR B 172 6.10 -5.08 -10.59
C TYR B 172 7.06 -3.98 -10.98
N GLN B 173 7.48 -3.20 -10.02
CA GLN B 173 8.34 -2.03 -10.21
C GLN B 173 8.58 -1.52 -8.82
N ASN B 174 9.53 -0.61 -8.64
CA ASN B 174 9.94 -0.27 -7.32
C ASN B 174 9.66 1.16 -7.03
N MET B 175 9.22 1.28 -5.74
CA MET B 175 8.84 2.50 -5.15
C MET B 175 9.57 2.76 -3.86
N GLY B 176 9.67 4.03 -3.54
CA GLY B 176 10.21 4.45 -2.28
C GLY B 176 9.13 4.95 -1.31
N ILE B 177 9.39 4.59 -0.07
CA ILE B 177 8.47 4.79 0.96
C ILE B 177 9.19 5.08 2.23
N TRP B 178 8.82 6.17 2.86
CA TRP B 178 9.27 6.40 4.20
C TRP B 178 8.15 7.13 4.88
N VAL B 179 8.21 7.15 6.22
CA VAL B 179 7.36 7.92 7.07
C VAL B 179 7.95 9.26 7.53
N GLN B 180 7.23 10.36 7.36
CA GLN B 180 7.64 11.67 7.96
C GLN B 180 6.79 11.98 9.19
N ALA B 181 7.44 12.52 10.22
CA ALA B 181 6.90 12.80 11.58
C ALA B 181 7.25 14.28 11.94
N GLU B 182 6.22 15.14 12.09
CA GLU B 182 6.45 16.51 12.51
C GLU B 182 5.47 17.07 13.49
N ASN B 183 6.08 17.62 14.52
CA ASN B 183 5.49 18.48 15.47
C ASN B 183 6.23 19.81 15.37
N ALA B 184 5.94 20.72 16.28
CA ALA B 184 6.34 22.09 15.97
C ALA B 184 7.70 22.33 16.52
N LEU B 185 8.36 21.32 17.04
CA LEU B 185 9.78 21.39 17.36
C LEU B 185 10.75 20.79 16.28
N GLY B 186 10.19 20.22 15.25
CA GLY B 186 10.98 19.51 14.29
C GLY B 186 10.32 18.38 13.60
N THR B 187 11.02 17.90 12.58
CA THR B 187 10.58 16.86 11.73
C THR B 187 11.64 15.79 11.63
N SER B 188 11.23 14.56 11.56
CA SER B 188 12.17 13.48 11.41
C SER B 188 11.66 12.53 10.30
N MET B 189 12.50 11.59 9.83
CA MET B 189 12.11 10.70 8.74
C MET B 189 12.54 9.25 8.99
N SER B 190 11.76 8.27 8.62
CA SER B 190 12.29 6.95 8.76
C SER B 190 13.28 6.71 7.64
N PRO B 191 14.05 5.67 7.81
CA PRO B 191 14.83 5.23 6.67
C PRO B 191 13.89 4.85 5.58
N GLN B 192 14.35 4.98 4.35
CA GLN B 192 13.53 4.77 3.21
C GLN B 192 13.56 3.35 2.79
N LEU B 193 12.39 2.84 2.53
CA LEU B 193 12.19 1.56 1.99
C LEU B 193 12.15 1.56 0.44
N CYS B 194 12.63 0.46 -0.15
CA CYS B 194 12.55 0.39 -1.61
C CYS B 194 12.08 -0.96 -2.01
N LEU B 195 10.91 -1.08 -2.66
CA LEU B 195 10.28 -2.37 -2.88
C LEU B 195 9.31 -2.33 -4.09
N ASP B 196 8.94 -3.56 -4.46
CA ASP B 196 7.94 -3.93 -5.45
C ASP B 196 6.78 -4.56 -4.67
N PRO B 197 5.66 -3.87 -4.66
CA PRO B 197 4.55 -4.27 -3.85
C PRO B 197 4.36 -5.74 -3.99
N MET B 198 4.81 -6.27 -5.11
CA MET B 198 4.50 -7.65 -5.44
C MET B 198 5.37 -8.64 -4.65
N ASP B 199 6.48 -8.17 -4.08
CA ASP B 199 7.32 -9.08 -3.33
C ASP B 199 7.01 -8.96 -1.87
N VAL B 200 5.99 -8.20 -1.51
CA VAL B 200 5.56 -8.16 -0.15
C VAL B 200 4.13 -8.63 -0.05
N VAL B 201 3.68 -9.38 -1.03
CA VAL B 201 2.33 -9.86 -0.97
C VAL B 201 2.10 -10.85 0.15
N LYS B 202 1.06 -10.67 0.91
CA LYS B 202 0.78 -11.59 1.98
C LYS B 202 -0.17 -12.57 1.50
N LEU B 203 0.28 -13.79 1.54
CA LEU B 203 -0.58 -14.91 1.21
C LEU B 203 -1.38 -15.50 2.34
N GLU B 204 -2.29 -16.32 1.96
CA GLU B 204 -3.12 -16.97 2.90
C GLU B 204 -3.04 -18.47 2.49
N PRO B 205 -2.83 -19.34 3.44
CA PRO B 205 -2.69 -20.75 3.17
C PRO B 205 -3.96 -21.45 2.71
N PRO B 206 -3.85 -22.48 1.89
CA PRO B 206 -4.97 -23.35 1.52
C PRO B 206 -5.51 -24.08 2.75
N MET B 207 -6.68 -24.68 2.74
CA MET B 207 -7.24 -25.20 4.01
C MET B 207 -7.24 -26.71 3.84
N LEU B 208 -6.63 -27.48 4.71
CA LEU B 208 -6.50 -28.89 4.39
C LEU B 208 -7.77 -29.55 4.69
N ARG B 209 -8.11 -30.59 3.95
CA ARG B 209 -9.32 -31.34 4.28
C ARG B 209 -9.22 -32.83 3.97
N THR B 210 -10.21 -33.59 4.38
CA THR B 210 -10.13 -35.01 4.22
C THR B 210 -10.61 -35.47 2.93
N MET B 211 -10.44 -36.74 2.69
CA MET B 211 -10.73 -37.30 1.43
C MET B 211 -12.18 -37.89 1.35
N ASP B 212 -12.43 -38.73 0.31
CA ASP B 212 -13.69 -39.57 0.08
C ASP B 212 -13.47 -41.14 -0.31
N PRO B 213 -12.83 -41.50 -1.51
CA PRO B 213 -12.51 -42.94 -1.89
C PRO B 213 -11.86 -43.87 -0.82
N GLN B 221 -3.18 -49.17 1.80
CA GLN B 221 -2.11 -49.77 2.60
C GLN B 221 -2.26 -49.17 4.02
N ALA B 222 -1.24 -49.36 4.89
CA ALA B 222 -1.29 -49.06 6.35
C ALA B 222 -0.15 -48.23 6.90
N GLY B 223 -0.48 -47.47 7.91
CA GLY B 223 0.43 -46.45 8.38
C GLY B 223 0.41 -45.22 7.48
N CYS B 224 -0.79 -44.90 6.97
CA CYS B 224 -1.05 -43.89 5.94
C CYS B 224 -2.17 -42.89 6.11
N LEU B 225 -2.11 -41.88 5.25
CA LEU B 225 -3.08 -40.79 5.29
C LEU B 225 -3.49 -40.35 3.90
N GLN B 226 -4.67 -39.77 3.85
CA GLN B 226 -5.09 -39.09 2.64
C GLN B 226 -5.80 -37.82 2.95
N LEU B 227 -5.31 -36.75 2.40
CA LEU B 227 -5.96 -35.51 2.56
C LEU B 227 -5.89 -34.82 1.25
N SER B 228 -6.40 -33.60 1.24
CA SER B 228 -6.53 -32.80 0.01
C SER B 228 -6.60 -31.33 0.36
N TRP B 229 -6.13 -30.42 -0.46
CA TRP B 229 -6.39 -29.04 -0.13
C TRP B 229 -6.72 -28.15 -1.30
N GLU B 230 -7.68 -27.29 -1.10
CA GLU B 230 -8.25 -26.48 -2.14
C GLU B 230 -7.57 -25.16 -2.07
N PRO B 231 -7.41 -24.46 -3.17
CA PRO B 231 -6.67 -23.21 -3.27
C PRO B 231 -7.15 -22.03 -2.45
N TRP B 232 -6.50 -20.90 -2.65
CA TRP B 232 -6.91 -19.63 -2.06
C TRP B 232 -7.03 -18.73 -3.27
N GLN B 233 -8.21 -18.71 -3.83
CA GLN B 233 -8.46 -18.09 -5.12
C GLN B 233 -7.61 -16.87 -5.38
N PRO B 234 -7.68 -15.88 -4.46
CA PRO B 234 -6.92 -14.64 -4.64
C PRO B 234 -5.47 -14.91 -5.03
N GLY B 235 -4.90 -16.05 -4.67
CA GLY B 235 -3.48 -16.33 -4.90
C GLY B 235 -3.17 -17.26 -6.05
N LEU B 236 -4.23 -17.83 -6.57
CA LEU B 236 -4.11 -18.80 -7.63
C LEU B 236 -3.24 -18.36 -8.67
N HIS B 237 -3.06 -17.07 -8.81
CA HIS B 237 -2.42 -16.53 -9.99
C HIS B 237 -0.90 -16.38 -9.82
N ILE B 238 -0.31 -17.04 -8.82
CA ILE B 238 1.04 -16.75 -8.29
C ILE B 238 1.67 -18.04 -7.93
N ASN B 239 2.73 -18.43 -8.66
CA ASN B 239 3.26 -19.83 -8.49
C ASN B 239 3.95 -19.85 -7.18
N GLN B 240 3.40 -20.59 -6.28
CA GLN B 240 3.93 -20.54 -4.99
C GLN B 240 4.42 -21.93 -4.55
N LYS B 241 5.21 -22.06 -3.50
CA LYS B 241 5.72 -23.38 -3.06
C LYS B 241 5.16 -23.68 -1.71
N CYS B 242 4.67 -24.83 -1.43
CA CYS B 242 4.22 -25.01 -0.05
C CYS B 242 4.92 -26.09 0.69
N GLU B 243 4.76 -26.12 2.02
CA GLU B 243 5.20 -27.25 2.80
C GLU B 243 4.15 -27.67 3.80
N LEU B 244 4.17 -28.97 4.09
CA LEU B 244 3.21 -29.53 4.99
C LEU B 244 4.01 -29.89 6.14
N ARG B 245 3.52 -29.86 7.36
CA ARG B 245 4.27 -30.36 8.52
C ARG B 245 3.27 -31.18 9.26
N HIS B 246 3.74 -32.19 9.96
CA HIS B 246 2.81 -33.02 10.71
C HIS B 246 3.49 -33.65 11.90
N LYS B 247 2.73 -33.93 12.94
CA LYS B 247 3.25 -34.63 14.09
C LYS B 247 2.08 -35.23 14.70
N PRO B 248 2.24 -36.35 15.39
CA PRO B 248 1.12 -37.05 16.02
C PRO B 248 0.46 -36.18 17.11
N GLN B 249 -0.83 -36.35 17.28
CA GLN B 249 -1.59 -35.30 17.93
C GLN B 249 -1.18 -35.09 19.41
N ARG B 250 -1.20 -36.20 20.22
CA ARG B 250 -0.78 -36.24 21.67
C ARG B 250 0.67 -36.73 21.75
N GLY B 251 1.32 -36.53 22.88
CA GLY B 251 2.75 -36.61 22.92
C GLY B 251 3.21 -35.19 22.69
N GLU B 252 4.40 -34.90 23.14
CA GLU B 252 5.04 -33.63 22.86
C GLU B 252 6.03 -34.17 21.78
N ALA B 253 5.57 -34.38 20.55
CA ALA B 253 6.48 -34.83 19.47
C ALA B 253 7.01 -33.56 18.72
N SER B 254 8.11 -33.72 17.97
CA SER B 254 8.59 -32.61 17.13
C SER B 254 7.96 -32.56 15.70
N TRP B 255 7.48 -31.39 15.22
CA TRP B 255 6.93 -31.25 13.85
C TRP B 255 7.90 -31.86 12.78
N ALA B 256 7.35 -32.68 11.86
CA ALA B 256 8.03 -33.14 10.61
C ALA B 256 7.55 -32.43 9.33
N LEU B 257 8.48 -31.74 8.71
CA LEU B 257 8.22 -30.97 7.52
C LEU B 257 8.22 -31.98 6.38
N VAL B 258 7.32 -31.83 5.39
CA VAL B 258 7.32 -32.58 4.10
C VAL B 258 7.57 -31.82 2.83
N GLY B 259 8.51 -32.42 2.02
CA GLY B 259 9.16 -31.93 0.79
C GLY B 259 8.55 -30.64 0.31
N PRO B 260 8.72 -30.21 -0.99
CA PRO B 260 7.95 -29.09 -1.64
C PRO B 260 6.49 -29.48 -2.20
N LEU B 261 5.43 -28.78 -1.81
CA LEU B 261 4.13 -29.07 -2.40
C LEU B 261 3.61 -27.97 -3.36
N PRO B 262 2.60 -28.30 -4.10
CA PRO B 262 1.80 -27.35 -4.81
C PRO B 262 0.65 -26.70 -3.97
N LEU B 263 0.15 -25.56 -4.51
CA LEU B 263 -0.84 -24.79 -3.76
C LEU B 263 -2.19 -25.39 -3.55
N GLU B 264 -2.39 -26.49 -4.25
CA GLU B 264 -3.67 -27.17 -4.30
C GLU B 264 -3.49 -28.58 -4.72
N ALA B 265 -4.19 -29.50 -4.10
CA ALA B 265 -4.04 -30.89 -4.49
C ALA B 265 -5.33 -31.64 -4.28
N LEU B 266 -5.77 -32.39 -5.29
CA LEU B 266 -7.08 -33.03 -5.20
C LEU B 266 -6.95 -34.34 -4.40
N GLN B 267 -5.76 -34.93 -4.49
CA GLN B 267 -5.44 -36.06 -3.64
C GLN B 267 -3.96 -36.26 -3.34
N TYR B 268 -3.69 -36.17 -2.04
CA TYR B 268 -2.41 -36.46 -1.42
C TYR B 268 -2.54 -37.57 -0.36
N GLU B 269 -1.47 -38.39 -0.38
CA GLU B 269 -1.30 -39.55 0.44
C GLU B 269 0.03 -39.38 1.10
N LEU B 270 0.02 -39.62 2.42
CA LEU B 270 1.19 -39.47 3.26
C LEU B 270 1.37 -40.80 3.92
N CYS B 271 2.42 -41.52 3.52
CA CYS B 271 2.78 -42.80 4.14
C CYS B 271 4.02 -42.76 4.94
N GLY B 272 4.37 -43.92 5.49
CA GLY B 272 5.47 -43.97 6.44
C GLY B 272 5.16 -43.51 7.85
N LEU B 273 3.89 -43.38 8.17
CA LEU B 273 3.54 -43.03 9.53
C LEU B 273 3.30 -44.28 10.37
N LEU B 274 3.07 -44.04 11.68
CA LEU B 274 2.67 -45.11 12.64
C LEU B 274 1.16 -45.23 12.57
N PRO B 275 0.58 -46.43 12.44
CA PRO B 275 -0.90 -46.56 12.50
C PRO B 275 -1.47 -46.02 13.77
N ALA B 276 -0.57 -45.26 14.46
CA ALA B 276 -0.75 -44.25 15.57
C ALA B 276 -2.00 -43.48 15.49
N THR B 277 -2.63 -43.65 14.36
CA THR B 277 -4.00 -43.37 14.28
C THR B 277 -4.20 -41.99 15.01
N ALA B 278 -3.56 -40.90 14.54
CA ALA B 278 -3.86 -39.57 15.09
C ALA B 278 -2.78 -38.58 14.81
N TYR B 279 -2.86 -37.91 13.66
CA TYR B 279 -1.87 -36.89 13.37
C TYR B 279 -2.44 -35.54 13.15
N THR B 280 -1.62 -34.50 13.39
CA THR B 280 -1.98 -33.10 13.16
C THR B 280 -1.23 -32.62 11.91
N LEU B 281 -1.89 -31.88 10.99
CA LEU B 281 -1.23 -31.43 9.76
C LEU B 281 -1.57 -30.01 9.43
N GLN B 282 -0.58 -29.28 8.99
CA GLN B 282 -0.78 -27.90 8.58
C GLN B 282 0.13 -27.55 7.42
N ILE B 283 -0.33 -26.68 6.57
CA ILE B 283 0.46 -26.41 5.42
C ILE B 283 0.52 -24.95 5.23
N ARG B 284 1.54 -24.48 4.55
CA ARG B 284 1.63 -23.09 4.27
C ARG B 284 2.38 -22.83 3.00
N CYS B 285 2.43 -21.58 2.58
CA CYS B 285 2.87 -21.32 1.24
C CYS B 285 3.69 -20.17 1.13
N ILE B 286 4.24 -19.96 -0.02
CA ILE B 286 5.05 -18.80 -0.26
C ILE B 286 5.35 -18.74 -1.69
N ARG B 287 5.36 -17.53 -2.23
CA ARG B 287 5.50 -17.32 -3.66
C ARG B 287 6.85 -17.79 -4.08
N TRP B 288 6.99 -18.47 -5.20
CA TRP B 288 8.18 -19.33 -5.22
C TRP B 288 9.44 -18.86 -5.92
N PRO B 289 9.56 -19.05 -7.18
CA PRO B 289 10.86 -18.61 -7.76
C PRO B 289 11.00 -16.99 -7.52
N LEU B 290 9.85 -16.33 -7.61
CA LEU B 290 9.82 -14.96 -7.25
C LEU B 290 9.87 -14.74 -5.74
N PRO B 291 10.25 -13.54 -5.38
CA PRO B 291 10.35 -13.17 -4.00
C PRO B 291 8.97 -13.15 -3.29
N GLY B 292 8.99 -13.54 -2.04
CA GLY B 292 7.77 -13.43 -1.27
C GLY B 292 7.99 -13.90 0.12
N HIS B 293 7.04 -13.77 1.04
CA HIS B 293 7.30 -14.23 2.40
C HIS B 293 6.35 -15.32 2.72
N TRP B 294 6.66 -16.17 3.72
CA TRP B 294 5.74 -17.27 4.08
C TRP B 294 4.39 -16.81 4.53
N SER B 295 3.53 -17.75 4.80
CA SER B 295 2.18 -17.45 5.14
C SER B 295 1.93 -18.08 6.52
N ASP B 296 0.97 -17.56 7.29
CA ASP B 296 0.67 -18.24 8.55
C ASP B 296 0.39 -19.71 8.24
N TRP B 297 0.49 -20.60 9.20
CA TRP B 297 0.09 -21.96 8.89
C TRP B 297 -1.43 -22.08 8.83
N SER B 298 -1.92 -23.00 8.03
CA SER B 298 -3.33 -23.22 7.99
C SER B 298 -3.74 -23.67 9.36
N PRO B 299 -4.96 -23.39 9.80
CA PRO B 299 -5.56 -24.18 10.89
C PRO B 299 -5.32 -25.65 10.70
N SER B 300 -5.40 -26.37 11.80
CA SER B 300 -4.96 -27.74 11.82
C SER B 300 -6.01 -28.66 11.39
N LEU B 301 -5.60 -29.77 10.85
CA LEU B 301 -6.55 -30.76 10.52
C LEU B 301 -6.07 -31.99 11.21
N GLU B 302 -6.99 -32.75 11.85
CA GLU B 302 -6.68 -34.00 12.57
C GLU B 302 -7.30 -35.18 11.91
N LEU B 303 -6.51 -36.23 11.67
CA LEU B 303 -7.07 -37.51 11.17
C LEU B 303 -6.18 -38.71 11.45
N ARG B 304 -6.85 -39.85 11.56
CA ARG B 304 -6.24 -41.10 11.99
C ARG B 304 -5.65 -41.72 10.78
N THR B 305 -4.85 -42.75 10.99
CA THR B 305 -4.06 -43.42 9.98
C THR B 305 -4.76 -44.71 9.59
N THR B 306 -4.28 -45.42 8.56
CA THR B 306 -4.88 -46.71 8.21
C THR B 306 -4.29 -47.83 9.06
N GLU B 307 -5.23 -48.49 9.75
CA GLU B 307 -5.15 -49.81 10.45
C GLU B 307 -6.33 -49.77 11.46
C1 NAG C . -6.14 -7.74 4.17
C2 NAG C . -5.94 -8.32 5.55
C3 NAG C . -7.09 -9.29 5.76
C4 NAG C . -8.41 -8.55 5.50
C5 NAG C . -8.36 -7.66 4.25
C6 NAG C . -9.56 -6.77 4.36
C7 NAG C . -4.65 -10.29 4.87
C8 NAG C . -3.88 -11.31 5.70
N2 NAG C . -4.72 -9.08 5.52
O3 NAG C . -7.00 -10.05 6.99
O4 NAG C . -9.54 -9.42 5.41
O5 NAG C . -7.20 -6.85 4.33
O6 NAG C . -9.42 -6.41 5.74
O7 NAG C . -5.17 -10.55 3.72
C1 NAG C . -10.35 -9.22 6.62
C2 NAG C . -11.84 -9.74 6.51
C3 NAG C . -12.52 -9.41 7.88
C4 NAG C . -11.63 -9.62 9.16
C5 NAG C . -10.17 -9.12 9.01
C6 NAG C . -9.32 -9.28 10.31
C7 NAG C . -13.39 -8.28 4.97
C8 NAG C . -14.32 -8.31 3.76
N2 NAG C . -12.66 -9.42 5.27
O3 NAG C . -13.73 -10.15 8.00
O4 NAG C . -12.12 -8.89 10.25
O5 NAG C . -9.67 -9.73 7.80
O6 NAG C . -8.44 -10.40 10.39
O7 NAG C . -13.29 -7.20 5.63
#